data_5U8C
#
_entry.id   5U8C
#
_cell.length_a   59.550
_cell.length_b   84.227
_cell.length_c   121.218
_cell.angle_alpha   90.000
_cell.angle_beta   90.000
_cell.angle_gamma   90.000
#
_symmetry.space_group_name_H-M   'P 21 21 21'
#
loop_
_entity.id
_entity.type
_entity.pdbx_description
1 polymer 'Glutamate receptor ionotropic, NMDA 1'
2 polymer 'GLUTAMATE RECEPTOR IONOTROPIC, NMDA 2A'
3 non-polymer GLYCINE
4 non-polymer GLYCEROL
5 non-polymer '[(R)-{[(1S)-1-(4-bromophenyl)ethyl]amino}(2,3-dihydroxyquinoxalin-5-yl)methyl]phosphonic acid'
6 water water
#
loop_
_entity_poly.entity_id
_entity_poly.type
_entity_poly.pdbx_seq_one_letter_code
_entity_poly.pdbx_strand_id
1 'polypeptide(L)'
;GMSTRLKIVTIHQEPFVYVKPTMSDGTCKEEFTVNGDPVKKVICTGPNDTSPGSPRHTVPQCCYGFCIDLLIKLARTMNF
TYEVHLVADGKFGTQERVNNSNKKEWNGMMGELLSGQADMIVAPLTINNERAQYIEFSKPFKYQGLTILVKKGTRITGIN
DPRLRNPSDKFIYATVKQSSVDIYFRRQVELSTMYRHMEKHNYESAAEAIQAVRDNKLHAFIWDSAVLEFEASQKCDLVT
TGELFFRSGFGIGMRKDSPWKQNVSLSILKSHENGFMEDLDKTWVRYQECDS
;
A
2 'polypeptide(L)'
;SDDNHLSIVTLEEAPFVIVEDIDPLTETCVRNTVPCRKFVKINNSTNEGMNVKKCCKGFCIDILKKLSRTVKFTYDLYLV
TNGKHGKKVNNVWNGMIGEVVYQRAVMAVGSLTINEERSEVVDFSVPFVETGISVMVSRGTQVTGLSDKKFQRPHDYSPP
FRFGTVPNGSTERNIRNNYPYMHQYMTRFNQRGVEDALVSLKTGKLDAFIYDAAVLNYKAGRDEGCKLVTIGSGYIFATT
GYGIALQKGSPWKRQIDLALLQFVGDGEMEELETLWLTGICHN
;
B
#
loop_
_chem_comp.id
_chem_comp.type
_chem_comp.name
_chem_comp.formula
84J non-polymer '[(R)-{[(1S)-1-(4-bromophenyl)ethyl]amino}(2,3-dihydroxyquinoxalin-5-yl)methyl]phosphonic acid' 'C17 H17 Br N3 O5 P'
GOL non-polymer GLYCEROL 'C3 H8 O3'
#
# COMPACT_ATOMS: atom_id res chain seq x y z
N MET A 2 -21.96 12.75 -19.06
CA MET A 2 -20.55 12.42 -19.09
C MET A 2 -20.01 12.48 -20.52
N SER A 3 -18.78 12.99 -20.68
CA SER A 3 -18.17 12.99 -22.00
C SER A 3 -17.76 11.59 -22.42
N THR A 4 -17.26 10.80 -21.47
CA THR A 4 -16.85 9.40 -21.60
C THR A 4 -15.49 9.29 -22.32
N ARG A 5 -14.87 10.40 -22.76
CA ARG A 5 -13.53 10.39 -23.36
C ARG A 5 -12.57 11.23 -22.52
N LEU A 6 -11.70 10.55 -21.77
CA LEU A 6 -10.91 11.19 -20.72
C LEU A 6 -9.55 11.63 -21.24
N LYS A 7 -9.11 12.81 -20.78
CA LYS A 7 -7.73 13.23 -21.04
C LYS A 7 -6.85 12.64 -19.94
N ILE A 8 -5.99 11.69 -20.32
CA ILE A 8 -5.07 11.07 -19.37
C ILE A 8 -3.73 11.79 -19.44
N VAL A 9 -3.18 12.18 -18.29
CA VAL A 9 -1.81 12.69 -18.22
C VAL A 9 -0.94 11.64 -17.54
N THR A 10 0.24 11.43 -18.09
CA THR A 10 1.22 10.54 -17.48
C THR A 10 2.60 11.22 -17.58
N ILE A 11 3.63 10.46 -17.23
CA ILE A 11 5.00 10.97 -17.10
C ILE A 11 5.94 9.83 -17.44
N HIS A 12 7.07 10.15 -18.06
CA HIS A 12 8.08 9.12 -18.29
C HIS A 12 8.64 8.64 -16.96
N GLN A 13 8.64 7.32 -16.74
CA GLN A 13 9.13 6.79 -15.48
C GLN A 13 9.22 5.27 -15.55
N GLU A 14 10.34 4.77 -16.06
CA GLU A 14 10.51 3.32 -16.17
C GLU A 14 10.54 2.69 -14.77
N PRO A 15 9.91 1.52 -14.60
CA PRO A 15 9.25 0.62 -15.56
C PRO A 15 7.75 0.80 -15.65
N PHE A 16 7.27 1.93 -15.10
CA PHE A 16 5.84 2.19 -15.06
C PHE A 16 5.34 2.80 -16.36
N VAL A 17 6.11 3.72 -16.94
CA VAL A 17 5.78 4.35 -18.22
C VAL A 17 7.08 4.46 -19.02
N TYR A 18 7.14 3.75 -20.13
CA TYR A 18 8.16 3.88 -21.16
C TYR A 18 7.65 4.82 -22.24
N VAL A 19 8.57 5.60 -22.81
CA VAL A 19 8.23 6.55 -23.86
C VAL A 19 9.25 6.36 -24.98
N LYS A 20 8.77 6.04 -26.18
CA LYS A 20 9.60 5.75 -27.35
C LYS A 20 9.06 6.48 -28.58
N PRO A 21 9.91 6.76 -29.56
CA PRO A 21 9.42 7.39 -30.79
C PRO A 21 8.48 6.48 -31.54
N THR A 22 7.58 7.09 -32.31
CA THR A 22 6.78 6.32 -33.26
C THR A 22 7.66 5.87 -34.43
N MET A 23 7.14 4.90 -35.17
CA MET A 23 7.78 4.54 -36.42
C MET A 23 7.50 5.61 -37.46
N SER A 24 8.23 5.54 -38.58
CA SER A 24 8.14 6.55 -39.62
C SER A 24 6.70 6.82 -40.04
N ASP A 25 5.85 5.79 -40.01
CA ASP A 25 4.46 5.93 -40.42
C ASP A 25 3.54 6.38 -39.28
N GLY A 26 4.09 6.77 -38.13
CA GLY A 26 3.30 7.27 -37.03
C GLY A 26 2.68 6.23 -36.13
N THR A 27 2.89 4.93 -36.38
CA THR A 27 2.38 3.89 -35.49
C THR A 27 3.49 3.41 -34.55
N CYS A 28 3.10 2.54 -33.62
CA CYS A 28 4.01 2.02 -32.62
C CYS A 28 4.43 0.61 -33.00
N LYS A 29 5.75 0.36 -32.97
CA LYS A 29 6.29 -0.95 -33.30
C LYS A 29 5.63 -2.04 -32.49
N GLU A 30 5.26 -3.14 -33.16
CA GLU A 30 4.71 -4.29 -32.45
C GLU A 30 5.84 -5.02 -31.73
N GLU A 31 5.67 -5.21 -30.42
CA GLU A 31 6.65 -5.87 -29.57
C GLU A 31 5.93 -6.81 -28.64
N PHE A 32 6.68 -7.79 -28.13
CA PHE A 32 6.22 -8.67 -27.07
C PHE A 32 7.19 -8.59 -25.90
N THR A 33 6.68 -8.85 -24.70
CA THR A 33 7.56 -8.87 -23.56
C THR A 33 8.43 -10.11 -23.59
N VAL A 34 9.44 -10.12 -22.70
CA VAL A 34 10.35 -11.25 -22.59
C VAL A 34 9.58 -12.54 -22.31
N ASN A 35 8.48 -12.46 -21.56
CA ASN A 35 7.67 -13.63 -21.27
C ASN A 35 6.60 -13.93 -22.32
N GLY A 36 6.57 -13.17 -23.43
CA GLY A 36 5.73 -13.51 -24.55
C GLY A 36 4.38 -12.80 -24.63
N ASP A 37 4.13 -11.85 -23.77
CA ASP A 37 2.85 -11.13 -23.85
C ASP A 37 2.94 -9.97 -24.83
N PRO A 38 1.92 -9.66 -25.61
CA PRO A 38 1.98 -8.49 -26.49
C PRO A 38 2.12 -7.23 -25.64
N VAL A 39 2.99 -6.32 -26.07
CA VAL A 39 3.13 -5.04 -25.39
C VAL A 39 2.06 -4.10 -25.93
N LYS A 40 1.13 -3.71 -25.08
CA LYS A 40 0.09 -2.78 -25.46
C LYS A 40 0.66 -1.37 -25.43
N LYS A 41 0.65 -0.71 -26.59
CA LYS A 41 1.19 0.65 -26.72
C LYS A 41 0.08 1.62 -27.06
N VAL A 42 0.14 2.81 -26.46
CA VAL A 42 -0.78 3.88 -26.80
C VAL A 42 0.01 5.06 -27.36
N ILE A 43 -0.64 5.81 -28.25
CA ILE A 43 -0.06 7.08 -28.66
C ILE A 43 -0.18 8.08 -27.52
N CYS A 44 0.93 8.72 -27.19
CA CYS A 44 0.93 9.76 -26.16
C CYS A 44 1.65 10.97 -26.72
N THR A 45 0.96 12.10 -26.78
CA THR A 45 1.57 13.33 -27.25
C THR A 45 2.36 13.99 -26.13
N GLY A 46 3.44 14.66 -26.46
CA GLY A 46 4.19 15.36 -25.45
C GLY A 46 5.37 16.10 -26.01
N PRO A 47 6.05 16.87 -25.18
CA PRO A 47 7.36 17.39 -25.59
C PRO A 47 8.36 16.25 -25.67
N ASN A 48 9.39 16.45 -26.49
CA ASN A 48 10.50 15.49 -26.55
C ASN A 48 11.86 16.14 -26.41
N ASP A 49 11.93 17.46 -26.26
CA ASP A 49 13.19 18.15 -26.01
C ASP A 49 12.97 19.36 -25.11
N ARG A 56 9.49 24.35 -28.17
CA ARG A 56 8.94 23.23 -27.44
C ARG A 56 7.65 22.70 -28.08
N HIS A 57 7.78 22.08 -29.26
CA HIS A 57 6.63 21.50 -29.93
C HIS A 57 6.23 20.19 -29.24
N THR A 58 4.98 19.77 -29.46
CA THR A 58 4.49 18.49 -28.98
C THR A 58 4.35 17.54 -30.16
N VAL A 59 4.80 16.30 -29.96
CA VAL A 59 4.85 15.29 -31.02
C VAL A 59 4.25 13.98 -30.51
N PRO A 60 3.54 13.23 -31.35
CA PRO A 60 3.07 11.90 -30.94
C PRO A 60 4.25 10.97 -30.67
N GLN A 61 4.15 10.25 -29.55
CA GLN A 61 5.12 9.26 -29.12
C GLN A 61 4.37 7.99 -28.69
N CYS A 62 5.13 6.96 -28.34
CA CYS A 62 4.59 5.66 -27.97
C CYS A 62 4.84 5.43 -26.48
N CYS A 63 3.77 5.14 -25.74
CA CYS A 63 3.84 4.90 -24.30
C CYS A 63 3.42 3.48 -23.99
N TYR A 64 4.08 2.86 -23.02
CA TYR A 64 3.69 1.52 -22.57
C TYR A 64 4.31 1.29 -21.20
N GLY A 65 3.86 0.23 -20.54
CA GLY A 65 4.43 -0.14 -19.26
C GLY A 65 3.34 -0.48 -18.28
N PHE A 66 3.74 -0.64 -17.02
CA PHE A 66 2.82 -1.02 -15.96
C PHE A 66 1.59 -0.11 -15.94
N CYS A 67 1.82 1.20 -15.94
CA CYS A 67 0.70 2.12 -15.80
C CYS A 67 -0.18 2.14 -17.04
N ILE A 68 0.40 1.91 -18.22
CA ILE A 68 -0.41 1.87 -19.43
C ILE A 68 -1.27 0.61 -19.48
N ASP A 69 -0.71 -0.53 -19.05
CA ASP A 69 -1.54 -1.72 -18.88
C ASP A 69 -2.69 -1.46 -17.92
N LEU A 70 -2.43 -0.78 -16.81
CA LEU A 70 -3.51 -0.48 -15.86
C LEU A 70 -4.57 0.41 -16.51
N LEU A 71 -4.14 1.45 -17.23
CA LEU A 71 -5.07 2.33 -17.93
C LEU A 71 -5.97 1.53 -18.86
N ILE A 72 -5.39 0.61 -19.63
CA ILE A 72 -6.19 -0.16 -20.58
C ILE A 72 -7.18 -1.06 -19.85
N LYS A 73 -6.77 -1.67 -18.73
CA LYS A 73 -7.69 -2.45 -17.90
C LYS A 73 -8.84 -1.59 -17.39
N LEU A 74 -8.53 -0.40 -16.88
CA LEU A 74 -9.56 0.48 -16.35
C LEU A 74 -10.52 0.92 -17.44
N ALA A 75 -9.98 1.32 -18.60
CA ALA A 75 -10.83 1.81 -19.69
C ALA A 75 -11.75 0.71 -20.19
N ARG A 76 -11.25 -0.52 -20.24
CA ARG A 76 -12.08 -1.64 -20.68
C ARG A 76 -13.15 -1.99 -19.66
N THR A 77 -12.80 -1.97 -18.37
CA THR A 77 -13.75 -2.34 -17.32
C THR A 77 -14.89 -1.35 -17.21
N MET A 78 -14.59 -0.06 -17.22
CA MET A 78 -15.58 1.00 -17.04
C MET A 78 -16.12 1.54 -18.35
N ASN A 79 -15.62 1.05 -19.49
CA ASN A 79 -16.06 1.48 -20.80
C ASN A 79 -15.93 3.00 -20.98
N PHE A 80 -14.69 3.49 -20.83
CA PHE A 80 -14.41 4.86 -21.26
C PHE A 80 -13.32 4.84 -22.32
N THR A 81 -13.30 5.90 -23.12
CA THR A 81 -12.25 6.13 -24.10
C THR A 81 -11.31 7.21 -23.56
N TYR A 82 -10.14 7.31 -24.18
CA TYR A 82 -9.12 8.19 -23.62
C TYR A 82 -8.19 8.68 -24.70
N GLU A 83 -7.48 9.76 -24.38
CA GLU A 83 -6.30 10.20 -25.10
C GLU A 83 -5.23 10.51 -24.05
N VAL A 84 -4.01 10.04 -24.30
CA VAL A 84 -2.92 10.19 -23.33
C VAL A 84 -1.95 11.26 -23.79
N HIS A 85 -1.51 12.10 -22.84
CA HIS A 85 -0.38 12.98 -23.08
C HIS A 85 0.58 12.96 -21.90
N LEU A 86 1.82 13.36 -22.18
CA LEU A 86 2.87 13.51 -21.20
C LEU A 86 2.81 14.90 -20.58
N VAL A 87 2.99 14.96 -19.26
CA VAL A 87 2.86 16.23 -18.55
C VAL A 87 3.81 17.27 -19.14
N ALA A 88 3.28 18.47 -19.41
CA ALA A 88 4.06 19.47 -20.17
C ALA A 88 5.35 19.88 -19.46
N ASP A 89 5.31 20.08 -18.13
CA ASP A 89 6.53 20.53 -17.44
C ASP A 89 7.40 19.37 -16.96
N GLY A 90 6.98 18.13 -17.21
CA GLY A 90 7.76 16.98 -16.83
C GLY A 90 7.76 16.61 -15.36
N LYS A 91 6.89 17.21 -14.55
CA LYS A 91 6.95 17.04 -13.10
C LYS A 91 5.75 16.27 -12.56
N PHE A 92 5.92 15.69 -11.36
CA PHE A 92 4.82 14.99 -10.70
C PHE A 92 3.83 15.97 -10.09
N GLY A 93 4.33 16.88 -9.24
CA GLY A 93 3.50 17.95 -8.73
C GLY A 93 3.68 18.28 -7.27
N THR A 94 4.00 19.55 -7.01
CA THR A 94 4.03 20.13 -5.68
C THR A 94 3.28 21.45 -5.73
N GLN A 95 2.95 21.96 -4.55
CA GLN A 95 2.23 23.22 -4.43
C GLN A 95 3.23 24.33 -4.14
N GLU A 96 3.23 25.38 -4.95
CA GLU A 96 4.18 26.48 -4.78
C GLU A 96 3.45 27.81 -4.75
N ARG A 97 3.99 28.75 -3.97
CA ARG A 97 3.41 30.08 -3.88
C ARG A 97 3.58 30.81 -5.21
N VAL A 98 2.58 31.58 -5.59
CA VAL A 98 2.61 32.38 -6.82
C VAL A 98 3.13 33.76 -6.49
N ASN A 99 4.23 34.16 -7.14
CA ASN A 99 4.76 35.52 -7.12
C ASN A 99 4.63 36.23 -5.78
N ASN A 100 4.91 35.51 -4.68
CA ASN A 100 4.74 36.03 -3.32
C ASN A 100 3.35 36.63 -3.12
N SER A 101 2.35 36.07 -3.80
CA SER A 101 0.96 36.47 -3.63
C SER A 101 0.38 35.72 -2.43
N ASN A 102 -0.95 35.73 -2.28
CA ASN A 102 -1.57 34.79 -1.34
C ASN A 102 -1.74 33.42 -1.97
N LYS A 103 -1.86 33.40 -3.29
CA LYS A 103 -2.28 32.22 -4.01
C LYS A 103 -1.15 31.18 -4.06
N LYS A 104 -1.55 29.91 -3.98
CA LYS A 104 -0.66 28.79 -4.21
C LYS A 104 -1.17 27.99 -5.39
N GLU A 105 -0.25 27.36 -6.12
CA GLU A 105 -0.60 26.70 -7.35
C GLU A 105 0.18 25.39 -7.46
N TRP A 106 -0.48 24.36 -7.97
CA TRP A 106 0.19 23.08 -8.20
C TRP A 106 0.85 23.07 -9.57
N ASN A 107 2.06 22.55 -9.63
CA ASN A 107 2.71 22.28 -10.91
C ASN A 107 2.53 20.80 -11.29
N GLY A 108 3.21 20.38 -12.35
CA GLY A 108 3.23 18.96 -12.75
C GLY A 108 1.87 18.38 -13.08
N MET A 109 1.78 17.05 -12.96
CA MET A 109 0.53 16.37 -13.22
C MET A 109 -0.59 16.85 -12.31
N MET A 110 -0.27 17.21 -11.04
CA MET A 110 -1.28 17.73 -10.14
C MET A 110 -1.91 18.99 -10.73
N GLY A 111 -1.06 19.89 -11.22
CA GLY A 111 -1.57 21.12 -11.81
C GLY A 111 -2.43 20.89 -13.03
N GLU A 112 -2.04 19.94 -13.90
CA GLU A 112 -2.85 19.67 -15.08
C GLU A 112 -4.20 19.04 -14.72
N LEU A 113 -4.22 18.12 -13.74
CA LEU A 113 -5.48 17.54 -13.32
C LEU A 113 -6.40 18.61 -12.73
N LEU A 114 -5.86 19.47 -11.86
CA LEU A 114 -6.70 20.48 -11.24
C LEU A 114 -7.17 21.54 -12.23
N SER A 115 -6.38 21.82 -13.26
CA SER A 115 -6.78 22.84 -14.23
C SER A 115 -7.73 22.33 -15.31
N GLY A 116 -7.90 21.00 -15.45
CA GLY A 116 -8.71 20.43 -16.51
C GLY A 116 -7.93 20.04 -17.75
N GLN A 117 -6.64 20.35 -17.80
CA GLN A 117 -5.82 19.81 -18.89
C GLN A 117 -5.79 18.29 -18.88
N ALA A 118 -6.08 17.67 -17.75
CA ALA A 118 -6.22 16.22 -17.64
C ALA A 118 -7.45 15.91 -16.79
N ASP A 119 -8.05 14.75 -17.06
CA ASP A 119 -9.16 14.23 -16.28
C ASP A 119 -8.76 13.10 -15.35
N MET A 120 -7.60 12.50 -15.58
CA MET A 120 -7.11 11.43 -14.74
C MET A 120 -5.59 11.40 -14.85
N ILE A 121 -4.90 11.22 -13.72
CA ILE A 121 -3.46 10.98 -13.70
C ILE A 121 -3.27 9.47 -13.61
N VAL A 122 -2.57 8.88 -14.57
CA VAL A 122 -2.25 7.45 -14.53
C VAL A 122 -0.73 7.39 -14.62
N ALA A 123 -0.09 7.19 -13.46
CA ALA A 123 1.35 7.34 -13.30
C ALA A 123 1.73 6.83 -11.93
N PRO A 124 3.04 6.67 -11.64
CA PRO A 124 3.45 6.28 -10.26
C PRO A 124 3.38 7.49 -9.35
N LEU A 125 2.14 7.86 -9.03
CA LEU A 125 1.77 9.09 -8.33
C LEU A 125 1.56 8.80 -6.85
N THR A 126 2.42 9.36 -6.01
CA THR A 126 2.42 9.02 -4.60
C THR A 126 1.23 9.64 -3.89
N ILE A 127 0.55 8.83 -3.08
CA ILE A 127 -0.57 9.26 -2.25
C ILE A 127 -0.03 9.93 -1.00
N ASN A 128 -0.41 11.20 -0.77
CA ASN A 128 -0.04 11.87 0.48
C ASN A 128 -1.16 12.84 0.88
N ASN A 129 -1.04 13.33 2.11
CA ASN A 129 -2.06 14.25 2.63
C ASN A 129 -2.13 15.50 1.78
N GLU A 130 -0.96 16.06 1.42
CA GLU A 130 -0.90 17.34 0.72
C GLU A 130 -1.72 17.29 -0.56
N ARG A 131 -1.56 16.23 -1.34
CA ARG A 131 -2.30 16.11 -2.58
C ARG A 131 -3.75 15.71 -2.35
N ALA A 132 -4.01 14.84 -1.35
CA ALA A 132 -5.36 14.37 -1.05
C ALA A 132 -6.30 15.50 -0.60
N GLN A 133 -5.75 16.62 -0.11
CA GLN A 133 -6.61 17.76 0.20
C GLN A 133 -7.36 18.27 -1.01
N TYR A 134 -6.75 18.14 -2.21
CA TYR A 134 -7.23 18.76 -3.43
C TYR A 134 -7.78 17.79 -4.47
N ILE A 135 -7.29 16.55 -4.51
CA ILE A 135 -7.76 15.59 -5.50
C ILE A 135 -8.18 14.32 -4.79
N GLU A 136 -8.81 13.43 -5.53
CA GLU A 136 -9.19 12.12 -5.02
C GLU A 136 -8.20 11.08 -5.54
N PHE A 137 -7.66 10.27 -4.62
CA PHE A 137 -6.83 9.13 -4.98
C PHE A 137 -7.65 7.84 -4.94
N SER A 138 -7.35 6.93 -5.86
CA SER A 138 -7.80 5.56 -5.72
C SER A 138 -7.12 4.89 -4.52
N LYS A 139 -7.66 3.72 -4.14
CA LYS A 139 -6.86 2.80 -3.35
C LYS A 139 -5.55 2.52 -4.07
N PRO A 140 -4.48 2.22 -3.34
CA PRO A 140 -3.17 2.06 -3.99
C PRO A 140 -3.17 0.93 -5.01
N PHE A 141 -2.63 1.22 -6.20
CA PHE A 141 -2.38 0.12 -7.14
C PHE A 141 -0.99 -0.50 -6.98
N LYS A 142 -0.10 0.11 -6.19
CA LYS A 142 1.23 -0.42 -5.92
C LYS A 142 1.66 0.10 -4.57
N TYR A 143 2.16 -0.80 -3.73
CA TYR A 143 2.70 -0.47 -2.41
C TYR A 143 4.21 -0.52 -2.50
N GLN A 144 4.87 0.52 -1.99
CA GLN A 144 6.32 0.60 -2.08
C GLN A 144 6.81 1.57 -0.99
N GLY A 145 7.88 2.31 -1.28
CA GLY A 145 8.39 3.25 -0.29
C GLY A 145 9.58 4.02 -0.84
N LEU A 146 10.31 4.67 0.05
CA LEU A 146 11.48 5.44 -0.36
C LEU A 146 12.76 4.71 0.01
N THR A 147 13.74 4.77 -0.89
CA THR A 147 15.04 4.22 -0.58
C THR A 147 16.10 5.13 -1.21
N ILE A 148 17.35 4.68 -1.22
CA ILE A 148 18.47 5.51 -1.61
C ILE A 148 19.32 4.72 -2.60
N LEU A 149 19.64 5.33 -3.73
CA LEU A 149 20.47 4.73 -4.77
C LEU A 149 21.86 5.35 -4.70
N VAL A 150 22.89 4.50 -4.76
CA VAL A 150 24.27 4.96 -4.81
C VAL A 150 25.02 4.12 -5.84
N LYS A 151 26.21 4.60 -6.20
CA LYS A 151 27.13 3.79 -7.00
C LYS A 151 27.68 2.66 -6.14
N LYS A 152 27.81 1.47 -6.73
CA LYS A 152 28.39 0.36 -5.99
C LYS A 152 29.77 0.75 -5.49
N GLY A 153 30.03 0.47 -4.22
CA GLY A 153 31.24 0.87 -3.55
C GLY A 153 31.07 2.06 -2.63
N THR A 154 30.02 2.86 -2.83
CA THR A 154 29.71 3.93 -1.90
C THR A 154 29.10 3.33 -0.63
N ARG A 155 29.60 3.75 0.53
CA ARG A 155 29.21 3.17 1.81
C ARG A 155 28.45 4.22 2.64
N ILE A 156 27.13 4.10 2.69
CA ILE A 156 26.32 4.83 3.67
C ILE A 156 25.30 3.85 4.25
N THR A 157 24.89 4.13 5.48
CA THR A 157 23.97 3.26 6.19
C THR A 157 22.54 3.42 5.72
N GLY A 158 22.18 4.55 5.16
CA GLY A 158 20.80 4.88 4.87
C GLY A 158 20.53 6.33 5.25
N ILE A 159 19.24 6.61 5.52
CA ILE A 159 18.80 7.99 5.68
C ILE A 159 19.33 8.63 6.96
N ASN A 160 19.90 7.86 7.88
CA ASN A 160 20.48 8.41 9.10
C ASN A 160 21.99 8.53 9.04
N ASP A 161 22.60 8.22 7.89
CA ASP A 161 24.04 8.29 7.76
C ASP A 161 24.54 9.71 8.02
N PRO A 162 25.66 9.88 8.73
CA PRO A 162 26.14 11.23 9.00
C PRO A 162 26.45 12.03 7.76
N ARG A 163 26.79 11.40 6.64
CA ARG A 163 27.04 12.18 5.44
C ARG A 163 25.74 12.72 4.84
N LEU A 164 24.59 12.22 5.27
CA LEU A 164 23.30 12.81 4.91
C LEU A 164 22.80 13.76 5.98
N ARG A 165 22.90 13.36 7.25
CA ARG A 165 22.35 14.16 8.34
C ARG A 165 23.21 15.35 8.70
N ASN A 166 24.49 15.33 8.33
CA ASN A 166 25.39 16.46 8.53
C ASN A 166 25.99 16.79 7.16
N PRO A 167 25.22 17.46 6.30
CA PRO A 167 25.62 17.56 4.88
C PRO A 167 26.80 18.49 4.66
N SER A 168 27.56 18.18 3.62
CA SER A 168 28.63 19.06 3.14
C SER A 168 28.70 18.90 1.63
N ASP A 169 29.42 19.82 0.98
CA ASP A 169 29.54 19.70 -0.47
C ASP A 169 30.45 18.56 -0.90
N LYS A 170 31.03 17.83 0.05
CA LYS A 170 31.85 16.66 -0.27
C LYS A 170 31.03 15.41 -0.56
N PHE A 171 29.76 15.37 -0.20
CA PHE A 171 28.90 14.23 -0.52
C PHE A 171 27.55 14.76 -0.96
N ILE A 172 27.26 14.69 -2.25
CA ILE A 172 26.09 15.34 -2.82
C ILE A 172 24.93 14.35 -2.86
N TYR A 173 23.78 14.74 -2.31
CA TYR A 173 22.60 13.89 -2.44
C TYR A 173 21.40 14.76 -2.81
N ALA A 174 20.40 14.14 -3.43
CA ALA A 174 19.32 14.90 -4.03
C ALA A 174 18.15 13.99 -4.31
N THR A 175 17.05 14.61 -4.72
CA THR A 175 15.89 13.90 -5.24
C THR A 175 15.42 14.62 -6.50
N VAL A 176 14.21 14.32 -6.97
CA VAL A 176 13.63 15.02 -8.13
C VAL A 176 12.86 16.24 -7.67
N LYS A 177 13.10 17.39 -8.32
CA LYS A 177 12.35 18.60 -8.04
C LYS A 177 10.86 18.40 -8.26
N GLN A 178 10.05 19.10 -7.45
CA GLN A 178 8.60 19.14 -7.60
C GLN A 178 7.99 17.73 -7.63
N SER A 179 8.46 16.90 -6.71
CA SER A 179 7.99 15.52 -6.54
C SER A 179 7.53 15.32 -5.11
N SER A 180 6.93 14.14 -4.87
CA SER A 180 6.48 13.77 -3.52
C SER A 180 7.65 13.67 -2.56
N VAL A 181 8.84 13.31 -3.05
CA VAL A 181 9.98 13.22 -2.15
C VAL A 181 10.46 14.61 -1.77
N ASP A 182 10.38 15.56 -2.70
CA ASP A 182 10.62 16.96 -2.36
C ASP A 182 9.68 17.40 -1.23
N ILE A 183 8.39 17.10 -1.36
CA ILE A 183 7.41 17.42 -0.33
C ILE A 183 7.81 16.80 1.00
N TYR A 184 8.24 15.54 0.97
CA TYR A 184 8.56 14.79 2.18
C TYR A 184 9.63 15.50 3.00
N PHE A 185 10.69 15.95 2.34
CA PHE A 185 11.78 16.60 3.06
C PHE A 185 11.49 18.05 3.38
N ARG A 186 10.56 18.68 2.67
CA ARG A 186 10.17 20.05 3.03
C ARG A 186 9.12 20.06 4.13
N ARG A 187 8.43 18.94 4.37
CA ARG A 187 7.31 18.87 5.30
C ARG A 187 7.73 19.02 6.76
N GLN A 188 8.93 18.54 7.11
CA GLN A 188 9.32 18.38 8.50
C GLN A 188 10.49 19.30 8.83
N VAL A 189 10.31 20.14 9.84
CA VAL A 189 11.37 21.06 10.26
C VAL A 189 12.60 20.28 10.70
N GLU A 190 12.42 19.07 11.26
CA GLU A 190 13.55 18.20 11.58
C GLU A 190 14.44 17.93 10.37
N LEU A 191 13.87 17.94 9.15
CA LEU A 191 14.63 17.65 7.93
C LEU A 191 15.13 18.90 7.24
N SER A 192 15.08 20.06 7.89
CA SER A 192 15.36 21.31 7.19
C SER A 192 16.82 21.40 6.75
N THR A 193 17.74 20.88 7.56
CA THR A 193 19.15 20.91 7.14
C THR A 193 19.37 20.02 5.93
N MET A 194 18.80 18.81 5.94
CA MET A 194 18.89 17.97 4.75
C MET A 194 18.28 18.65 3.54
N TYR A 195 17.09 19.25 3.72
CA TYR A 195 16.44 19.90 2.59
C TYR A 195 17.27 21.05 2.03
N ARG A 196 17.92 21.81 2.90
CA ARG A 196 18.77 22.92 2.45
C ARG A 196 19.88 22.42 1.53
N HIS A 197 20.40 21.22 1.79
CA HIS A 197 21.39 20.64 0.88
C HIS A 197 20.75 20.18 -0.42
N MET A 198 19.66 19.39 -0.32
CA MET A 198 19.06 18.81 -1.52
C MET A 198 18.53 19.88 -2.47
N GLU A 199 18.03 21.00 -1.95
CA GLU A 199 17.47 22.02 -2.82
C GLU A 199 18.53 22.63 -3.75
N LYS A 200 19.80 22.53 -3.38
CA LYS A 200 20.86 22.99 -4.26
C LYS A 200 21.15 22.00 -5.37
N HIS A 201 20.69 20.75 -5.24
CA HIS A 201 21.12 19.67 -6.11
C HIS A 201 20.01 18.88 -6.79
N ASN A 202 18.74 19.15 -6.47
CA ASN A 202 17.63 18.34 -7.00
C ASN A 202 17.59 18.38 -8.52
N TYR A 203 17.22 17.24 -9.13
CA TYR A 203 17.25 17.06 -10.57
C TYR A 203 15.88 17.24 -11.20
N GLU A 204 15.87 17.53 -12.51
CA GLU A 204 14.61 17.75 -13.21
C GLU A 204 13.81 16.46 -13.41
N SER A 205 14.47 15.31 -13.41
CA SER A 205 13.80 14.04 -13.66
C SER A 205 14.58 12.93 -12.98
N ALA A 206 13.89 11.82 -12.72
CA ALA A 206 14.56 10.65 -12.14
C ALA A 206 15.67 10.14 -13.06
N ALA A 207 15.42 10.07 -14.37
CA ALA A 207 16.42 9.50 -15.26
C ALA A 207 17.73 10.31 -15.21
N GLU A 208 17.63 11.64 -15.12
CA GLU A 208 18.84 12.45 -15.04
C GLU A 208 19.57 12.23 -13.73
N ALA A 209 18.84 12.13 -12.61
CA ALA A 209 19.48 11.85 -11.34
C ALA A 209 20.18 10.51 -11.37
N ILE A 210 19.55 9.49 -11.95
CA ILE A 210 20.15 8.16 -11.99
C ILE A 210 21.43 8.19 -12.82
N GLN A 211 21.41 8.85 -13.97
CA GLN A 211 22.61 8.97 -14.78
C GLN A 211 23.73 9.69 -14.02
N ALA A 212 23.38 10.73 -13.27
CA ALA A 212 24.37 11.46 -12.48
C ALA A 212 25.01 10.58 -11.42
N VAL A 213 24.25 9.65 -10.84
CA VAL A 213 24.85 8.68 -9.92
C VAL A 213 25.85 7.79 -10.67
N ARG A 214 25.46 7.27 -11.84
CA ARG A 214 26.37 6.41 -12.61
C ARG A 214 27.65 7.16 -12.95
N ASP A 215 27.52 8.45 -13.25
CA ASP A 215 28.63 9.30 -13.66
C ASP A 215 29.35 9.95 -12.50
N ASN A 216 29.04 9.56 -11.26
CA ASN A 216 29.72 10.06 -10.05
C ASN A 216 29.62 11.58 -9.91
N LYS A 217 28.57 12.17 -10.48
CA LYS A 217 28.26 13.57 -10.22
C LYS A 217 27.22 13.76 -9.11
N LEU A 218 26.46 12.72 -8.79
CA LEU A 218 25.50 12.72 -7.68
C LEU A 218 25.83 11.50 -6.86
N HIS A 219 25.98 11.66 -5.55
CA HIS A 219 26.49 10.55 -4.76
C HIS A 219 25.40 9.69 -4.16
N ALA A 220 24.21 10.25 -3.91
CA ALA A 220 23.07 9.47 -3.47
C ALA A 220 21.81 10.10 -4.03
N PHE A 221 20.90 9.26 -4.52
CA PHE A 221 19.62 9.70 -5.09
C PHE A 221 18.51 9.09 -4.25
N ILE A 222 17.68 9.95 -3.64
CA ILE A 222 16.60 9.51 -2.75
C ILE A 222 15.31 9.47 -3.56
N TRP A 223 14.69 8.28 -3.68
CA TRP A 223 13.58 8.15 -4.62
C TRP A 223 12.74 6.91 -4.32
N ASP A 224 11.70 6.70 -5.13
CA ASP A 224 10.78 5.58 -5.01
C ASP A 224 11.50 4.25 -5.20
N SER A 225 11.28 3.34 -4.26
CA SER A 225 11.93 2.04 -4.30
C SER A 225 11.50 1.21 -5.51
N ALA A 226 10.23 1.31 -5.91
CA ALA A 226 9.78 0.54 -7.06
C ALA A 226 10.55 0.93 -8.31
N VAL A 227 10.99 2.18 -8.41
CA VAL A 227 11.84 2.60 -9.53
C VAL A 227 13.30 2.26 -9.27
N LEU A 228 13.82 2.59 -8.07
CA LEU A 228 15.25 2.43 -7.80
C LEU A 228 15.67 0.97 -7.80
N GLU A 229 14.84 0.07 -7.23
CA GLU A 229 15.21 -1.34 -7.24
C GLU A 229 15.22 -1.89 -8.66
N PHE A 230 14.27 -1.45 -9.49
CA PHE A 230 14.28 -1.80 -10.91
C PHE A 230 15.58 -1.34 -11.57
N GLU A 231 15.95 -0.07 -11.35
CA GLU A 231 17.16 0.46 -11.99
C GLU A 231 18.39 -0.32 -11.56
N ALA A 232 18.52 -0.60 -10.26
CA ALA A 232 19.67 -1.36 -9.78
C ALA A 232 19.69 -2.76 -10.36
N SER A 233 18.52 -3.32 -10.66
CA SER A 233 18.41 -4.63 -11.27
C SER A 233 18.92 -4.66 -12.70
N GLN A 234 18.89 -3.53 -13.41
CA GLN A 234 19.42 -3.46 -14.78
C GLN A 234 20.85 -3.00 -14.87
N LYS A 235 21.29 -2.20 -13.91
CA LYS A 235 22.55 -1.47 -14.00
C LYS A 235 23.34 -1.89 -12.77
N CYS A 236 24.15 -2.94 -12.91
CA CYS A 236 24.73 -3.55 -11.72
C CYS A 236 25.86 -2.74 -11.12
N ASP A 237 26.15 -1.55 -11.67
CA ASP A 237 27.04 -0.60 -11.03
C ASP A 237 26.31 0.28 -10.02
N LEU A 238 24.99 0.17 -9.95
CA LEU A 238 24.16 0.91 -9.00
C LEU A 238 23.56 -0.06 -7.99
N VAL A 239 23.42 0.39 -6.74
CA VAL A 239 22.79 -0.41 -5.71
C VAL A 239 21.93 0.50 -4.85
N THR A 240 20.93 -0.09 -4.20
CA THR A 240 20.18 0.64 -3.19
C THR A 240 20.75 0.34 -1.82
N THR A 241 20.50 1.23 -0.88
CA THR A 241 21.04 1.05 0.45
C THR A 241 20.06 1.55 1.49
N GLY A 242 19.95 0.81 2.59
CA GLY A 242 19.13 1.20 3.72
C GLY A 242 17.74 0.62 3.80
N GLU A 243 17.37 -0.30 2.91
CA GLU A 243 15.99 -0.79 2.84
C GLU A 243 15.08 0.41 2.64
N LEU A 244 13.82 0.35 3.07
CA LEU A 244 12.88 1.47 2.96
C LEU A 244 12.90 2.26 4.24
N PHE A 245 13.07 3.57 4.13
CA PHE A 245 12.96 4.40 5.32
C PHE A 245 11.59 5.04 5.45
N PHE A 246 10.70 4.79 4.48
CA PHE A 246 9.34 5.30 4.50
C PHE A 246 8.53 4.44 3.53
N ARG A 247 7.26 4.22 3.85
CA ARG A 247 6.39 3.41 3.01
C ARG A 247 5.26 4.26 2.46
N SER A 248 4.95 4.06 1.19
CA SER A 248 3.96 4.87 0.49
C SER A 248 3.42 4.06 -0.68
N GLY A 249 2.31 4.51 -1.23
CA GLY A 249 1.69 3.81 -2.34
C GLY A 249 1.45 4.76 -3.49
N PHE A 250 1.25 4.17 -4.67
CA PHE A 250 0.80 4.89 -5.86
C PHE A 250 -0.71 4.73 -6.08
N GLY A 251 -1.37 5.81 -6.51
CA GLY A 251 -2.79 5.77 -6.76
C GLY A 251 -3.12 6.52 -8.04
N ILE A 252 -4.24 6.14 -8.65
CA ILE A 252 -4.83 6.95 -9.72
C ILE A 252 -5.31 8.27 -9.13
N GLY A 253 -5.09 9.37 -9.83
CA GLY A 253 -5.53 10.70 -9.39
C GLY A 253 -6.71 11.21 -10.22
N MET A 254 -7.73 11.73 -9.53
CA MET A 254 -8.92 12.24 -10.19
C MET A 254 -9.36 13.50 -9.48
N ARG A 255 -10.05 14.39 -10.19
CA ARG A 255 -10.70 15.48 -9.47
C ARG A 255 -11.81 14.95 -8.56
N LYS A 256 -12.20 15.76 -7.57
CA LYS A 256 -13.13 15.28 -6.56
C LYS A 256 -14.52 14.99 -7.11
N ASP A 257 -14.85 15.50 -8.30
CA ASP A 257 -16.16 15.26 -8.91
C ASP A 257 -16.16 14.17 -9.97
N SER A 258 -15.09 13.38 -10.06
CA SER A 258 -15.03 12.39 -11.12
C SER A 258 -16.13 11.35 -10.93
N PRO A 259 -16.93 11.07 -11.95
CA PRO A 259 -17.90 9.97 -11.82
C PRO A 259 -17.26 8.61 -11.81
N TRP A 260 -15.96 8.52 -12.06
CA TRP A 260 -15.29 7.23 -12.20
C TRP A 260 -14.64 6.75 -10.91
N LYS A 261 -14.56 7.59 -9.88
CA LYS A 261 -13.66 7.29 -8.78
C LYS A 261 -14.03 6.00 -8.05
N GLN A 262 -15.31 5.73 -7.82
CA GLN A 262 -15.65 4.50 -7.10
C GLN A 262 -15.28 3.26 -7.91
N ASN A 263 -15.60 3.26 -9.21
CA ASN A 263 -15.32 2.07 -10.00
C ASN A 263 -13.83 1.90 -10.30
N VAL A 264 -13.08 2.99 -10.34
CA VAL A 264 -11.62 2.89 -10.46
C VAL A 264 -11.04 2.11 -9.27
N SER A 265 -11.45 2.48 -8.05
CA SER A 265 -10.95 1.78 -6.88
C SER A 265 -11.41 0.34 -6.83
N LEU A 266 -12.68 0.09 -7.15
CA LEU A 266 -13.16 -1.29 -7.17
C LEU A 266 -12.36 -2.12 -8.17
N SER A 267 -12.02 -1.56 -9.33
CA SER A 267 -11.26 -2.31 -10.32
C SER A 267 -9.85 -2.62 -9.80
N ILE A 268 -9.20 -1.65 -9.16
CA ILE A 268 -7.87 -1.88 -8.61
C ILE A 268 -7.91 -2.97 -7.54
N LEU A 269 -8.90 -2.91 -6.64
CA LEU A 269 -9.04 -3.94 -5.62
C LEU A 269 -9.27 -5.31 -6.24
N LYS A 270 -10.17 -5.39 -7.23
CA LYS A 270 -10.41 -6.67 -7.92
C LYS A 270 -9.13 -7.17 -8.56
N SER A 271 -8.35 -6.24 -9.13
CA SER A 271 -7.16 -6.63 -9.85
C SER A 271 -6.04 -7.08 -8.90
N HIS A 272 -5.94 -6.50 -7.70
CA HIS A 272 -5.04 -7.10 -6.70
C HIS A 272 -5.49 -8.51 -6.33
N GLU A 273 -6.77 -8.69 -6.09
CA GLU A 273 -7.24 -9.96 -5.54
C GLU A 273 -7.23 -11.10 -6.56
N ASN A 274 -7.31 -10.82 -7.87
CA ASN A 274 -7.35 -11.90 -8.86
C ASN A 274 -6.04 -12.12 -9.61
N GLY A 275 -4.95 -11.51 -9.16
CA GLY A 275 -3.64 -11.74 -9.75
C GLY A 275 -3.33 -10.89 -10.95
N PHE A 276 -4.25 -10.02 -11.40
CA PHE A 276 -3.90 -9.11 -12.49
C PHE A 276 -2.74 -8.21 -12.10
N MET A 277 -2.77 -7.67 -10.88
CA MET A 277 -1.67 -6.83 -10.45
C MET A 277 -0.39 -7.64 -10.29
N GLU A 278 -0.50 -8.91 -9.86
CA GLU A 278 0.67 -9.78 -9.80
C GLU A 278 1.29 -9.97 -11.19
N ASP A 279 0.45 -10.15 -12.21
CA ASP A 279 0.97 -10.29 -13.57
C ASP A 279 1.72 -9.03 -13.97
N LEU A 280 1.16 -7.86 -13.68
CA LEU A 280 1.83 -6.64 -14.06
C LEU A 280 3.14 -6.47 -13.32
N ASP A 281 3.14 -6.79 -12.03
CA ASP A 281 4.35 -6.64 -11.24
C ASP A 281 5.45 -7.53 -11.76
N LYS A 282 5.12 -8.78 -12.08
CA LYS A 282 6.12 -9.69 -12.61
C LYS A 282 6.62 -9.23 -13.98
N THR A 283 5.71 -8.77 -14.85
CA THR A 283 6.09 -8.35 -16.21
C THR A 283 7.02 -7.14 -16.17
N TRP A 284 6.69 -6.14 -15.36
CA TRP A 284 7.35 -4.85 -15.46
C TRP A 284 8.28 -4.51 -14.30
N VAL A 285 7.94 -4.90 -13.07
CA VAL A 285 8.55 -4.34 -11.88
C VAL A 285 9.63 -5.24 -11.32
N ARG A 286 9.42 -6.55 -11.39
CA ARG A 286 10.28 -7.50 -10.72
C ARG A 286 11.48 -7.88 -11.58
N TYR A 287 12.53 -8.36 -10.91
CA TYR A 287 13.79 -8.67 -11.54
C TYR A 287 14.69 -9.48 -10.61
N GLN A 288 15.72 -10.07 -11.20
CA GLN A 288 16.78 -10.82 -10.55
C GLN A 288 17.77 -9.90 -9.86
N GLU A 289 18.32 -10.38 -8.75
CA GLU A 289 19.42 -9.70 -8.09
C GLU A 289 20.70 -9.93 -8.88
N CYS A 290 21.57 -8.90 -8.92
CA CYS A 290 22.82 -9.00 -9.65
C CYS A 290 23.77 -9.98 -8.96
N ASP A 291 24.71 -10.50 -9.73
CA ASP A 291 25.78 -11.35 -9.21
C ASP A 291 26.80 -11.63 -10.31
N SER B 1 -22.75 15.19 23.04
CA SER B 1 -22.83 13.95 22.28
C SER B 1 -23.51 14.11 20.95
N ASP B 2 -24.67 13.48 20.83
CA ASP B 2 -25.46 13.47 19.61
C ASP B 2 -24.59 13.05 18.43
N ASP B 3 -24.53 13.89 17.39
CA ASP B 3 -23.88 13.50 16.14
C ASP B 3 -22.36 13.44 16.25
N ASN B 4 -21.77 13.95 17.33
CA ASN B 4 -20.32 13.86 17.54
C ASN B 4 -19.90 12.68 18.39
N HIS B 5 -20.84 11.90 18.93
CA HIS B 5 -20.56 10.73 19.76
C HIS B 5 -20.92 9.50 18.96
N LEU B 6 -19.93 8.67 18.64
CA LEU B 6 -20.04 7.69 17.58
C LEU B 6 -20.01 6.27 18.14
N SER B 7 -20.95 5.45 17.69
CA SER B 7 -20.84 4.01 17.93
C SER B 7 -19.77 3.44 17.01
N ILE B 8 -18.81 2.73 17.59
CA ILE B 8 -17.67 2.19 16.86
C ILE B 8 -17.49 0.72 17.25
N VAL B 9 -17.33 -0.15 16.26
CA VAL B 9 -17.16 -1.56 16.53
C VAL B 9 -15.72 -1.99 16.26
N THR B 10 -15.27 -2.98 17.02
CA THR B 10 -13.94 -3.56 16.85
C THR B 10 -14.01 -5.06 17.10
N LEU B 11 -12.85 -5.70 17.02
CA LEU B 11 -12.71 -7.14 17.08
C LEU B 11 -11.41 -7.47 17.79
N GLU B 12 -11.46 -8.36 18.77
CA GLU B 12 -10.25 -8.76 19.48
C GLU B 12 -9.32 -9.51 18.53
N GLU B 13 -8.10 -9.04 18.39
CA GLU B 13 -7.10 -9.66 17.54
C GLU B 13 -5.74 -9.08 17.89
N ALA B 14 -5.04 -9.68 18.85
CA ALA B 14 -3.76 -9.13 19.28
C ALA B 14 -2.76 -9.20 18.14
N PRO B 15 -1.87 -8.20 18.02
CA PRO B 15 -1.66 -7.02 18.88
C PRO B 15 -2.43 -5.79 18.41
N PHE B 16 -3.32 -5.99 17.44
CA PHE B 16 -4.07 -4.86 16.89
C PHE B 16 -5.15 -4.39 17.85
N VAL B 17 -5.89 -5.32 18.45
CA VAL B 17 -6.90 -5.01 19.47
C VAL B 17 -6.75 -6.08 20.54
N ILE B 18 -6.41 -5.66 21.76
CA ILE B 18 -6.21 -6.55 22.89
C ILE B 18 -7.26 -6.22 23.93
N VAL B 19 -7.93 -7.25 24.46
CA VAL B 19 -9.04 -7.05 25.39
C VAL B 19 -8.61 -7.52 26.77
N GLU B 20 -8.85 -6.67 27.78
CA GLU B 20 -8.55 -6.99 29.17
C GLU B 20 -9.80 -6.85 30.04
N ASP B 21 -9.79 -7.57 31.16
CA ASP B 21 -10.81 -7.37 32.18
C ASP B 21 -10.64 -6.00 32.82
N ILE B 22 -11.76 -5.40 33.17
CA ILE B 22 -11.75 -4.17 33.93
C ILE B 22 -11.55 -4.51 35.40
N ASP B 23 -10.95 -3.60 36.15
CA ASP B 23 -10.85 -3.74 37.59
C ASP B 23 -12.25 -3.81 38.18
N PRO B 24 -12.63 -4.92 38.83
CA PRO B 24 -13.99 -4.98 39.42
C PRO B 24 -14.17 -4.05 40.60
N LEU B 25 -13.09 -3.67 41.29
CA LEU B 25 -13.22 -2.77 42.43
C LEU B 25 -13.50 -1.32 41.97
N THR B 26 -12.84 -0.88 40.91
CA THR B 26 -12.99 0.49 40.43
C THR B 26 -13.90 0.61 39.21
N GLU B 27 -13.96 -0.42 38.37
CA GLU B 27 -14.74 -0.38 37.12
C GLU B 27 -14.30 0.80 36.25
N THR B 28 -13.00 1.08 36.21
CA THR B 28 -12.45 2.12 35.35
C THR B 28 -11.23 1.62 34.62
N CYS B 29 -11.17 1.89 33.31
CA CYS B 29 -10.03 1.51 32.50
C CYS B 29 -8.92 2.54 32.63
N VAL B 30 -7.69 2.07 32.88
CA VAL B 30 -6.58 2.98 33.10
C VAL B 30 -5.45 2.72 32.10
N ARG B 31 -4.28 3.32 32.36
CA ARG B 31 -3.07 3.18 31.53
C ARG B 31 -3.43 3.56 30.09
N ASN B 32 -3.05 2.75 29.10
CA ASN B 32 -3.29 3.06 27.71
C ASN B 32 -4.56 2.43 27.17
N THR B 33 -5.44 1.95 28.02
CA THR B 33 -6.65 1.27 27.56
C THR B 33 -7.80 2.24 27.45
N VAL B 34 -8.83 1.82 26.70
CA VAL B 34 -10.09 2.58 26.62
C VAL B 34 -11.24 1.63 26.92
N PRO B 35 -12.36 2.14 27.44
CA PRO B 35 -13.51 1.27 27.68
C PRO B 35 -14.03 0.64 26.40
N CYS B 36 -14.37 -0.65 26.46
CA CYS B 36 -15.03 -1.31 25.35
C CYS B 36 -16.00 -2.33 25.91
N ARG B 37 -17.18 -2.40 25.32
CA ARG B 37 -18.28 -3.24 25.76
C ARG B 37 -18.30 -4.55 24.98
N LYS B 38 -18.60 -5.65 25.66
CA LYS B 38 -18.72 -6.93 24.98
C LYS B 38 -19.99 -7.63 25.44
N PHE B 39 -20.80 -8.07 24.47
CA PHE B 39 -21.99 -8.86 24.74
C PHE B 39 -21.56 -10.32 24.87
N VAL B 40 -21.45 -10.81 26.11
CA VAL B 40 -20.89 -12.11 26.43
C VAL B 40 -22.04 -13.11 26.55
N LYS B 41 -21.93 -14.22 25.84
CA LYS B 41 -23.05 -15.17 25.73
C LYS B 41 -23.22 -15.96 27.02
N ILE B 42 -24.46 -16.30 27.34
CA ILE B 42 -24.73 -17.11 28.54
C ILE B 42 -24.23 -18.53 28.35
N ASN B 43 -24.40 -19.09 27.16
CA ASN B 43 -23.90 -20.44 26.86
C ASN B 43 -23.81 -20.57 25.35
N ASN B 44 -23.37 -21.75 24.88
CA ASN B 44 -23.03 -21.96 23.48
C ASN B 44 -24.21 -22.29 22.58
N SER B 45 -25.40 -22.46 23.14
CA SER B 45 -26.57 -22.83 22.34
C SER B 45 -27.69 -21.84 22.60
N THR B 46 -27.36 -20.55 22.65
CA THR B 46 -28.35 -19.56 23.03
C THR B 46 -28.02 -18.22 22.37
N ASN B 47 -29.05 -17.39 22.16
CA ASN B 47 -28.81 -16.00 21.81
C ASN B 47 -28.71 -15.09 23.02
N GLU B 48 -28.96 -15.61 24.22
CA GLU B 48 -28.93 -14.80 25.42
C GLU B 48 -27.51 -14.38 25.77
N GLY B 49 -27.37 -13.18 26.28
CA GLY B 49 -26.07 -12.73 26.73
C GLY B 49 -26.23 -11.51 27.59
N MET B 50 -25.11 -10.97 28.02
CA MET B 50 -25.12 -9.77 28.85
C MET B 50 -23.91 -8.92 28.53
N ASN B 51 -24.12 -7.61 28.50
CA ASN B 51 -23.02 -6.70 28.23
C ASN B 51 -22.06 -6.69 29.42
N VAL B 52 -20.77 -6.74 29.11
CA VAL B 52 -19.70 -6.72 30.10
C VAL B 52 -18.77 -5.56 29.76
N LYS B 53 -18.41 -4.78 30.77
CA LYS B 53 -17.41 -3.72 30.58
C LYS B 53 -16.02 -4.32 30.54
N LYS B 54 -15.29 -4.06 29.46
CA LYS B 54 -13.90 -4.49 29.30
C LYS B 54 -13.04 -3.26 29.02
N CYS B 55 -11.74 -3.51 28.89
CA CYS B 55 -10.79 -2.49 28.50
C CYS B 55 -10.02 -2.98 27.28
N CYS B 56 -9.78 -2.06 26.34
CA CYS B 56 -9.17 -2.39 25.04
C CYS B 56 -7.92 -1.56 24.83
N LYS B 57 -6.91 -2.16 24.21
CA LYS B 57 -5.66 -1.50 23.88
C LYS B 57 -5.10 -2.15 22.64
N GLY B 58 -4.05 -1.54 22.09
CA GLY B 58 -3.34 -2.11 20.95
C GLY B 58 -3.14 -1.11 19.83
N PHE B 59 -2.55 -1.59 18.74
CA PHE B 59 -2.20 -0.72 17.62
C PHE B 59 -3.41 0.03 17.07
N CYS B 60 -4.51 -0.70 16.82
CA CYS B 60 -5.70 -0.04 16.29
C CYS B 60 -6.37 0.87 17.33
N ILE B 61 -6.28 0.53 18.61
CA ILE B 61 -6.87 1.39 19.63
C ILE B 61 -6.13 2.71 19.69
N ASP B 62 -4.81 2.69 19.54
CA ASP B 62 -4.07 3.95 19.52
C ASP B 62 -4.37 4.76 18.27
N ILE B 63 -4.61 4.11 17.13
CA ILE B 63 -5.10 4.85 15.96
C ILE B 63 -6.43 5.51 16.27
N LEU B 64 -7.33 4.79 16.94
CA LEU B 64 -8.63 5.35 17.27
C LEU B 64 -8.48 6.56 18.19
N LYS B 65 -7.58 6.45 19.17
CA LYS B 65 -7.34 7.57 20.08
C LYS B 65 -6.84 8.80 19.33
N LYS B 66 -5.92 8.61 18.39
CA LYS B 66 -5.41 9.72 17.60
C LYS B 66 -6.49 10.33 16.73
N LEU B 67 -7.28 9.49 16.06
CA LEU B 67 -8.38 10.01 15.24
C LEU B 67 -9.39 10.75 16.09
N SER B 68 -9.72 10.20 17.27
CA SER B 68 -10.66 10.87 18.16
C SER B 68 -10.18 12.27 18.49
N ARG B 69 -8.90 12.41 18.79
CA ARG B 69 -8.33 13.69 19.14
C ARG B 69 -8.28 14.62 17.94
N THR B 70 -7.81 14.13 16.80
CA THR B 70 -7.55 14.98 15.64
C THR B 70 -8.84 15.36 14.91
N VAL B 71 -9.72 14.39 14.67
CA VAL B 71 -10.98 14.63 13.97
C VAL B 71 -12.05 15.19 14.91
N LYS B 72 -11.84 15.08 16.22
CA LYS B 72 -12.70 15.68 17.24
C LYS B 72 -14.06 14.97 17.31
N PHE B 73 -14.05 13.71 17.73
CA PHE B 73 -15.28 12.99 18.05
C PHE B 73 -15.02 12.19 19.32
N THR B 74 -16.09 11.79 19.98
CA THR B 74 -16.01 10.81 21.06
C THR B 74 -16.69 9.54 20.58
N TYR B 75 -16.58 8.48 21.38
CA TYR B 75 -17.08 7.21 20.87
C TYR B 75 -17.49 6.28 22.00
N ASP B 76 -18.30 5.31 21.62
CA ASP B 76 -18.70 4.17 22.45
C ASP B 76 -18.24 2.93 21.68
N LEU B 77 -17.16 2.34 22.14
CA LEU B 77 -16.52 1.22 21.48
C LEU B 77 -17.12 -0.09 21.96
N TYR B 78 -17.43 -0.98 21.04
CA TYR B 78 -17.92 -2.30 21.40
C TYR B 78 -17.30 -3.37 20.53
N LEU B 79 -17.25 -4.58 21.05
CA LEU B 79 -16.66 -5.72 20.36
C LEU B 79 -17.74 -6.48 19.61
N VAL B 80 -17.47 -6.81 18.36
CA VAL B 80 -18.47 -7.56 17.60
C VAL B 80 -18.59 -8.96 18.19
N THR B 81 -19.81 -9.47 18.22
CA THR B 81 -20.04 -10.77 18.80
C THR B 81 -20.52 -11.81 17.81
N ASN B 82 -21.06 -11.42 16.67
CA ASN B 82 -21.54 -12.36 15.66
C ASN B 82 -20.64 -12.28 14.45
N GLY B 83 -19.78 -13.27 14.27
CA GLY B 83 -18.82 -13.26 13.18
C GLY B 83 -17.56 -12.50 13.57
N LYS B 84 -16.70 -12.31 12.58
CA LYS B 84 -15.37 -11.73 12.82
C LYS B 84 -15.22 -10.49 12.00
N HIS B 85 -14.46 -10.51 10.89
CA HIS B 85 -14.22 -9.30 10.11
C HIS B 85 -15.44 -8.92 9.30
N GLY B 86 -16.03 -9.90 8.61
CA GLY B 86 -17.22 -9.68 7.81
C GLY B 86 -17.34 -10.71 6.70
N LYS B 87 -18.43 -11.48 6.74
CA LYS B 87 -18.76 -12.47 5.72
C LYS B 87 -20.22 -12.26 5.34
N LYS B 88 -20.55 -12.53 4.08
CA LYS B 88 -21.91 -12.45 3.58
C LYS B 88 -22.51 -13.86 3.63
N VAL B 89 -23.58 -14.03 4.39
CA VAL B 89 -24.28 -15.31 4.49
C VAL B 89 -25.74 -15.08 4.13
N ASN B 90 -26.23 -15.77 3.11
CA ASN B 90 -27.61 -15.62 2.67
C ASN B 90 -27.91 -14.17 2.33
N ASN B 91 -26.92 -13.48 1.76
CA ASN B 91 -27.02 -12.06 1.42
C ASN B 91 -27.07 -11.16 2.63
N VAL B 92 -26.69 -11.66 3.82
CA VAL B 92 -26.67 -10.86 5.05
C VAL B 92 -25.25 -10.82 5.61
N TRP B 93 -24.73 -9.62 5.83
CA TRP B 93 -23.38 -9.45 6.36
C TRP B 93 -23.33 -9.65 7.87
N ASN B 94 -22.30 -10.36 8.34
CA ASN B 94 -22.02 -10.42 9.76
C ASN B 94 -20.69 -9.72 10.07
N GLY B 95 -20.17 -9.94 11.28
CA GLY B 95 -18.89 -9.39 11.67
C GLY B 95 -18.90 -7.86 11.73
N MET B 96 -17.69 -7.30 11.68
CA MET B 96 -17.57 -5.84 11.74
C MET B 96 -18.27 -5.17 10.57
N ILE B 97 -18.13 -5.73 9.38
CA ILE B 97 -18.79 -5.15 8.21
C ILE B 97 -20.30 -5.08 8.43
N GLY B 98 -20.90 -6.17 8.92
CA GLY B 98 -22.34 -6.16 9.16
C GLY B 98 -22.77 -5.04 10.09
N GLU B 99 -22.01 -4.81 11.17
CA GLU B 99 -22.35 -3.73 12.09
C GLU B 99 -22.38 -2.37 11.40
N VAL B 100 -21.51 -2.17 10.41
CA VAL B 100 -21.51 -0.89 9.71
C VAL B 100 -22.64 -0.83 8.70
N VAL B 101 -22.79 -1.91 7.91
CA VAL B 101 -23.79 -1.93 6.83
C VAL B 101 -25.19 -1.70 7.39
N TYR B 102 -25.52 -2.33 8.51
CA TYR B 102 -26.86 -2.21 9.06
C TYR B 102 -26.94 -1.11 10.12
N GLN B 103 -25.94 -0.22 10.14
CA GLN B 103 -26.01 1.09 10.78
C GLN B 103 -26.06 1.01 12.29
N ARG B 104 -25.50 -0.05 12.85
CA ARG B 104 -25.32 -0.14 14.29
C ARG B 104 -24.03 0.51 14.75
N ALA B 105 -23.06 0.69 13.86
CA ALA B 105 -21.79 1.33 14.12
C ALA B 105 -21.50 2.31 12.99
N VAL B 106 -20.92 3.46 13.35
CA VAL B 106 -20.52 4.47 12.38
C VAL B 106 -19.21 4.07 11.69
N MET B 107 -18.30 3.44 12.43
CA MET B 107 -17.04 2.95 11.87
C MET B 107 -16.70 1.62 12.51
N ALA B 108 -15.86 0.88 11.81
CA ALA B 108 -15.22 -0.32 12.34
C ALA B 108 -13.71 -0.10 12.33
N VAL B 109 -13.08 -0.28 13.49
CA VAL B 109 -11.64 -0.11 13.67
C VAL B 109 -11.06 -1.44 14.13
N GLY B 110 -10.20 -2.04 13.32
CA GLY B 110 -9.58 -3.28 13.71
C GLY B 110 -8.73 -3.80 12.59
N SER B 111 -8.42 -5.09 12.66
CA SER B 111 -7.58 -5.72 11.63
C SER B 111 -8.47 -6.17 10.47
N LEU B 112 -9.12 -5.18 9.86
CA LEU B 112 -10.16 -5.38 8.86
C LEU B 112 -9.60 -5.07 7.49
N THR B 113 -9.55 -6.09 6.64
CA THR B 113 -8.88 -5.96 5.35
C THR B 113 -9.77 -5.28 4.30
N ILE B 114 -9.21 -4.27 3.63
CA ILE B 114 -9.87 -3.67 2.47
C ILE B 114 -9.95 -4.70 1.34
N ASN B 115 -11.16 -4.94 0.82
CA ASN B 115 -11.29 -5.77 -0.38
C ASN B 115 -12.44 -5.27 -1.26
N GLU B 116 -12.52 -5.88 -2.46
CA GLU B 116 -13.53 -5.49 -3.43
C GLU B 116 -14.95 -5.72 -2.90
N GLU B 117 -15.22 -6.94 -2.40
CA GLU B 117 -16.58 -7.30 -2.02
C GLU B 117 -17.12 -6.33 -0.97
N ARG B 118 -16.33 -6.09 0.08
CA ARG B 118 -16.76 -5.21 1.15
C ARG B 118 -16.91 -3.79 0.67
N SER B 119 -16.07 -3.34 -0.26
CA SER B 119 -16.13 -1.98 -0.75
C SER B 119 -17.40 -1.68 -1.55
N GLU B 120 -18.13 -2.72 -1.96
CA GLU B 120 -19.43 -2.48 -2.58
C GLU B 120 -20.49 -2.03 -1.58
N VAL B 121 -20.30 -2.29 -0.28
CA VAL B 121 -21.34 -2.00 0.70
C VAL B 121 -20.89 -1.09 1.83
N VAL B 122 -19.59 -0.87 2.00
CA VAL B 122 -19.08 0.12 2.95
C VAL B 122 -18.02 0.93 2.23
N ASP B 123 -17.71 2.11 2.78
CA ASP B 123 -16.56 2.88 2.35
C ASP B 123 -15.38 2.57 3.27
N PHE B 124 -14.20 2.42 2.68
CA PHE B 124 -12.99 2.22 3.45
C PHE B 124 -12.15 3.47 3.43
N SER B 125 -11.57 3.80 4.58
CA SER B 125 -10.47 4.77 4.63
C SER B 125 -9.29 4.28 3.81
N VAL B 126 -8.32 5.18 3.62
CA VAL B 126 -6.99 4.77 3.15
C VAL B 126 -6.49 3.65 4.04
N PRO B 127 -5.67 2.73 3.52
CA PRO B 127 -5.09 1.71 4.39
C PRO B 127 -4.18 2.36 5.42
N PHE B 128 -4.29 1.90 6.67
CA PHE B 128 -3.42 2.41 7.71
C PHE B 128 -2.30 1.44 8.10
N VAL B 129 -2.36 0.18 7.64
CA VAL B 129 -1.32 -0.84 7.82
C VAL B 129 -1.28 -1.64 6.52
N GLU B 130 -0.09 -1.85 5.95
CA GLU B 130 0.01 -2.65 4.72
C GLU B 130 -0.11 -4.13 5.05
N THR B 131 -0.81 -4.87 4.20
CA THR B 131 -0.84 -6.32 4.35
C THR B 131 -1.13 -6.96 2.99
N GLY B 132 -1.45 -8.24 3.00
CA GLY B 132 -1.61 -9.02 1.79
C GLY B 132 -1.50 -10.50 2.14
N ILE B 133 -1.41 -11.33 1.11
CA ILE B 133 -1.17 -12.76 1.32
C ILE B 133 0.33 -13.01 1.22
N SER B 134 0.92 -13.41 2.34
CA SER B 134 2.35 -13.61 2.44
C SER B 134 2.64 -15.06 2.82
N VAL B 135 3.92 -15.35 3.02
CA VAL B 135 4.38 -16.71 3.26
C VAL B 135 5.41 -16.68 4.38
N MET B 136 5.28 -17.57 5.34
CA MET B 136 6.30 -17.75 6.36
C MET B 136 6.94 -19.13 6.22
N VAL B 137 8.26 -19.20 6.42
CA VAL B 137 9.00 -20.46 6.36
C VAL B 137 10.03 -20.46 7.48
N SER B 138 10.66 -21.61 7.69
CA SER B 138 11.83 -21.67 8.56
C SER B 138 13.06 -21.23 7.77
N ARG B 139 13.90 -20.39 8.40
CA ARG B 139 15.05 -19.81 7.71
C ARG B 139 15.88 -20.89 7.04
N GLY B 140 16.16 -20.70 5.75
CA GLY B 140 16.78 -21.70 4.93
C GLY B 140 15.89 -22.23 3.81
N THR B 141 14.59 -22.33 4.06
CA THR B 141 13.65 -22.73 3.02
C THR B 141 13.53 -21.65 1.95
N GLN B 142 13.56 -22.04 0.68
CA GLN B 142 13.68 -21.12 -0.44
C GLN B 142 12.37 -21.10 -1.23
N VAL B 143 11.64 -19.97 -1.13
CA VAL B 143 10.47 -19.70 -2.00
C VAL B 143 10.31 -18.20 -2.12
N THR B 144 9.56 -17.77 -3.14
CA THR B 144 9.43 -16.34 -3.41
C THR B 144 8.16 -15.71 -2.85
N GLY B 145 7.03 -16.40 -2.96
CA GLY B 145 5.73 -15.81 -2.72
C GLY B 145 4.67 -16.77 -3.21
N LEU B 146 3.40 -16.35 -3.06
CA LEU B 146 2.29 -17.26 -3.37
C LEU B 146 2.33 -17.78 -4.80
N SER B 147 2.75 -16.94 -5.75
CA SER B 147 2.74 -17.34 -7.16
C SER B 147 3.94 -18.18 -7.56
N ASP B 148 4.88 -18.45 -6.65
CA ASP B 148 5.99 -19.35 -6.94
C ASP B 148 5.46 -20.66 -7.50
N LYS B 149 6.11 -21.16 -8.56
CA LYS B 149 5.63 -22.43 -9.12
C LYS B 149 5.83 -23.60 -8.15
N LYS B 150 6.66 -23.44 -7.11
CA LYS B 150 6.73 -24.47 -6.06
C LYS B 150 5.43 -24.62 -5.30
N PHE B 151 4.60 -23.58 -5.30
CA PHE B 151 3.24 -23.63 -4.77
C PHE B 151 2.20 -23.96 -5.85
N GLN B 152 2.28 -23.31 -7.02
CA GLN B 152 1.28 -23.54 -8.07
C GLN B 152 1.32 -24.96 -8.60
N ARG B 153 2.52 -25.52 -8.75
CA ARG B 153 2.73 -26.84 -9.37
C ARG B 153 3.68 -27.65 -8.50
N PRO B 154 3.27 -28.01 -7.28
CA PRO B 154 4.23 -28.59 -6.33
C PRO B 154 4.85 -29.89 -6.79
N HIS B 155 4.17 -30.62 -7.68
CA HIS B 155 4.73 -31.91 -8.07
C HIS B 155 5.77 -31.79 -9.18
N ASP B 156 6.11 -30.58 -9.60
CA ASP B 156 7.29 -30.34 -10.42
C ASP B 156 8.58 -30.38 -9.61
N TYR B 157 8.49 -30.54 -8.29
CA TYR B 157 9.63 -30.41 -7.39
C TYR B 157 9.71 -31.62 -6.48
N SER B 158 10.93 -31.95 -6.06
CA SER B 158 11.16 -33.12 -5.24
C SER B 158 12.05 -32.82 -4.04
N PRO B 159 11.55 -33.10 -2.83
CA PRO B 159 10.20 -33.58 -2.55
C PRO B 159 9.19 -32.44 -2.69
N PRO B 160 7.90 -32.73 -2.80
CA PRO B 160 6.92 -31.64 -2.93
C PRO B 160 6.80 -30.89 -1.61
N PHE B 161 6.64 -29.58 -1.74
CA PHE B 161 6.42 -28.74 -0.58
C PHE B 161 5.18 -29.15 0.18
N ARG B 162 5.27 -29.09 1.50
CA ARG B 162 4.10 -29.16 2.38
C ARG B 162 3.77 -27.76 2.86
N PHE B 163 2.59 -27.26 2.48
CA PHE B 163 2.24 -25.89 2.82
C PHE B 163 0.74 -25.80 2.99
N GLY B 164 0.33 -24.90 3.88
CA GLY B 164 -1.08 -24.79 4.23
C GLY B 164 -1.37 -23.40 4.73
N THR B 165 -2.67 -23.17 4.97
CA THR B 165 -3.17 -21.96 5.57
C THR B 165 -4.15 -22.33 6.69
N VAL B 166 -4.74 -21.33 7.32
CA VAL B 166 -5.86 -21.54 8.24
C VAL B 166 -7.15 -21.51 7.42
N PRO B 167 -7.93 -22.59 7.39
CA PRO B 167 -9.06 -22.66 6.46
C PRO B 167 -10.23 -21.79 6.88
N ASN B 168 -11.17 -21.67 5.95
CA ASN B 168 -12.52 -21.12 6.09
C ASN B 168 -12.55 -19.62 6.20
N GLY B 169 -11.45 -18.94 5.86
CA GLY B 169 -11.41 -17.49 5.87
C GLY B 169 -11.13 -16.91 4.51
N SER B 170 -10.63 -15.67 4.48
CA SER B 170 -10.41 -15.00 3.22
C SER B 170 -9.21 -15.57 2.48
N THR B 171 -8.22 -16.12 3.21
CA THR B 171 -7.07 -16.67 2.52
C THR B 171 -7.48 -17.87 1.67
N GLU B 172 -8.18 -18.83 2.28
CA GLU B 172 -8.59 -20.01 1.51
C GLU B 172 -9.48 -19.61 0.35
N ARG B 173 -10.37 -18.64 0.57
CA ARG B 173 -11.29 -18.22 -0.48
C ARG B 173 -10.52 -17.66 -1.67
N ASN B 174 -9.49 -16.87 -1.39
CA ASN B 174 -8.69 -16.28 -2.45
C ASN B 174 -7.92 -17.36 -3.22
N ILE B 175 -7.28 -18.28 -2.52
CA ILE B 175 -6.52 -19.34 -3.18
C ILE B 175 -7.45 -20.24 -3.98
N ARG B 176 -8.61 -20.58 -3.39
CA ARG B 176 -9.61 -21.37 -4.11
C ARG B 176 -9.96 -20.73 -5.45
N ASN B 177 -10.16 -19.41 -5.45
CA ASN B 177 -10.56 -18.73 -6.69
C ASN B 177 -9.40 -18.64 -7.68
N ASN B 178 -8.18 -18.41 -7.21
CA ASN B 178 -7.08 -18.07 -8.10
C ASN B 178 -6.25 -19.27 -8.54
N TYR B 179 -6.05 -20.25 -7.67
CA TYR B 179 -5.12 -21.35 -7.92
C TYR B 179 -5.80 -22.66 -7.55
N PRO B 180 -6.66 -23.18 -8.42
CA PRO B 180 -7.47 -24.34 -8.02
C PRO B 180 -6.64 -25.55 -7.64
N TYR B 181 -5.54 -25.85 -8.37
CA TYR B 181 -4.74 -27.01 -7.99
C TYR B 181 -4.08 -26.78 -6.64
N MET B 182 -3.44 -25.63 -6.46
CA MET B 182 -2.83 -25.32 -5.17
C MET B 182 -3.83 -25.49 -4.04
N HIS B 183 -5.05 -24.98 -4.22
CA HIS B 183 -6.04 -25.04 -3.16
C HIS B 183 -6.33 -26.47 -2.76
N GLN B 184 -6.60 -27.34 -3.74
CA GLN B 184 -6.96 -28.70 -3.36
C GLN B 184 -5.75 -29.45 -2.81
N TYR B 185 -4.55 -29.08 -3.26
CA TYR B 185 -3.33 -29.71 -2.74
C TYR B 185 -3.13 -29.37 -1.26
N MET B 186 -3.42 -28.14 -0.86
CA MET B 186 -3.03 -27.71 0.48
C MET B 186 -4.04 -28.07 1.56
N THR B 187 -5.24 -28.52 1.19
CA THR B 187 -6.25 -28.85 2.19
C THR B 187 -5.71 -29.86 3.18
N ARG B 188 -4.92 -30.81 2.70
CA ARG B 188 -4.33 -31.83 3.57
C ARG B 188 -3.45 -31.20 4.66
N PHE B 189 -2.93 -30.00 4.41
CA PHE B 189 -2.03 -29.32 5.32
C PHE B 189 -2.68 -28.14 6.03
N ASN B 190 -4.03 -28.04 6.01
CA ASN B 190 -4.77 -27.05 6.80
C ASN B 190 -4.25 -27.02 8.24
N GLN B 191 -4.13 -25.82 8.77
CA GLN B 191 -3.71 -25.58 10.15
C GLN B 191 -4.87 -24.99 10.94
N ARG B 192 -5.08 -25.51 12.16
CA ARG B 192 -6.23 -25.09 12.95
C ARG B 192 -6.17 -23.60 13.29
N GLY B 193 -4.97 -23.05 13.47
CA GLY B 193 -4.82 -21.63 13.73
C GLY B 193 -3.36 -21.25 13.59
N VAL B 194 -3.08 -19.97 13.82
CA VAL B 194 -1.73 -19.45 13.60
C VAL B 194 -0.73 -20.15 14.54
N GLU B 195 -1.09 -20.29 15.83
CA GLU B 195 -0.14 -20.87 16.77
C GLU B 195 0.23 -22.29 16.39
N ASP B 196 -0.77 -23.11 16.02
CA ASP B 196 -0.49 -24.45 15.52
C ASP B 196 0.42 -24.42 14.30
N ALA B 197 0.20 -23.46 13.39
CA ALA B 197 1.03 -23.39 12.18
C ALA B 197 2.48 -23.10 12.53
N LEU B 198 2.72 -22.20 13.49
CA LEU B 198 4.09 -21.88 13.88
C LEU B 198 4.80 -23.12 14.42
N VAL B 199 4.11 -23.89 15.27
CA VAL B 199 4.68 -25.13 15.80
C VAL B 199 4.98 -26.10 14.67
N SER B 200 4.04 -26.23 13.71
CA SER B 200 4.25 -27.15 12.59
C SER B 200 5.48 -26.76 11.79
N LEU B 201 5.68 -25.45 11.55
CA LEU B 201 6.88 -25.00 10.86
C LEU B 201 8.14 -25.30 11.65
N LYS B 202 8.14 -24.94 12.94
CA LYS B 202 9.34 -25.06 13.77
C LYS B 202 9.78 -26.51 13.91
N THR B 203 8.83 -27.44 13.93
CA THR B 203 9.12 -28.85 14.16
C THR B 203 9.24 -29.64 12.87
N GLY B 204 9.26 -28.96 11.72
CA GLY B 204 9.53 -29.61 10.44
C GLY B 204 8.39 -30.40 9.85
N LYS B 205 7.17 -30.22 10.34
CA LYS B 205 6.00 -30.93 9.83
C LYS B 205 5.29 -30.16 8.72
N LEU B 206 5.72 -28.92 8.47
CA LEU B 206 5.16 -28.03 7.47
C LEU B 206 6.31 -27.20 6.93
N ASP B 207 6.36 -26.96 5.61
CA ASP B 207 7.45 -26.20 5.01
C ASP B 207 7.12 -24.73 4.82
N ALA B 208 5.85 -24.39 4.61
CA ALA B 208 5.47 -23.00 4.46
C ALA B 208 4.05 -22.82 4.96
N PHE B 209 3.79 -21.63 5.50
CA PHE B 209 2.49 -21.25 6.02
C PHE B 209 2.08 -19.98 5.29
N ILE B 210 0.97 -20.03 4.58
CA ILE B 210 0.48 -18.91 3.76
C ILE B 210 -0.59 -18.19 4.56
N TYR B 211 -0.40 -16.89 4.81
CA TYR B 211 -1.36 -16.20 5.67
C TYR B 211 -1.17 -14.68 5.56
N ASP B 212 -1.85 -13.95 6.43
CA ASP B 212 -1.87 -12.48 6.38
C ASP B 212 -0.47 -11.91 6.65
N ALA B 213 -0.07 -10.94 5.82
CA ALA B 213 1.30 -10.41 5.89
C ALA B 213 1.56 -9.74 7.24
N ALA B 214 0.63 -8.92 7.70
CA ALA B 214 0.82 -8.21 8.97
C ALA B 214 0.95 -9.18 10.13
N VAL B 215 0.09 -10.21 10.18
CA VAL B 215 0.19 -11.22 11.23
C VAL B 215 1.53 -11.93 11.16
N LEU B 216 1.93 -12.35 9.95
CA LEU B 216 3.17 -13.11 9.81
C LEU B 216 4.38 -12.24 10.17
N ASN B 217 4.38 -10.97 9.77
CA ASN B 217 5.50 -10.10 10.12
C ASN B 217 5.59 -9.95 11.63
N TYR B 218 4.44 -9.83 12.30
CA TYR B 218 4.46 -9.70 13.74
C TYR B 218 4.96 -10.97 14.40
N LYS B 219 4.50 -12.14 13.94
CA LYS B 219 5.00 -13.39 14.53
C LYS B 219 6.48 -13.57 14.24
N ALA B 220 6.93 -13.25 13.03
CA ALA B 220 8.36 -13.39 12.73
C ALA B 220 9.20 -12.47 13.62
N GLY B 221 8.72 -11.28 13.92
CA GLY B 221 9.49 -10.38 14.76
C GLY B 221 9.73 -10.88 16.17
N ARG B 222 8.88 -11.79 16.65
CA ARG B 222 8.89 -12.27 18.03
C ARG B 222 9.39 -13.70 18.18
N ASP B 223 9.79 -14.35 17.09
CA ASP B 223 10.05 -15.78 17.14
C ASP B 223 11.28 -16.09 18.00
N GLU B 224 11.13 -17.08 18.88
CA GLU B 224 12.24 -17.56 19.71
C GLU B 224 13.34 -18.11 18.81
N GLY B 225 14.51 -17.47 18.85
CA GLY B 225 15.61 -17.81 17.98
C GLY B 225 15.60 -17.11 16.63
N CYS B 226 14.52 -16.39 16.30
CA CYS B 226 14.43 -15.67 15.02
C CYS B 226 14.67 -16.61 13.84
N LYS B 227 14.02 -17.78 13.89
CA LYS B 227 14.20 -18.79 12.86
C LYS B 227 13.06 -18.80 11.85
N LEU B 228 11.87 -18.36 12.24
CA LEU B 228 10.76 -18.20 11.30
C LEU B 228 10.85 -16.84 10.62
N VAL B 229 10.78 -16.83 9.29
CA VAL B 229 10.95 -15.62 8.50
C VAL B 229 9.86 -15.56 7.43
N THR B 230 9.57 -14.34 6.99
CA THR B 230 8.63 -14.14 5.90
C THR B 230 9.37 -13.84 4.59
N ILE B 231 8.62 -13.92 3.51
CA ILE B 231 9.13 -13.51 2.21
C ILE B 231 9.30 -11.99 2.18
N GLY B 232 10.04 -11.50 1.20
CA GLY B 232 10.19 -10.07 1.03
C GLY B 232 8.88 -9.41 0.65
N SER B 233 8.71 -8.16 1.09
CA SER B 233 7.43 -7.50 0.91
C SER B 233 7.10 -7.29 -0.56
N GLY B 234 8.11 -7.28 -1.44
CA GLY B 234 7.81 -7.15 -2.86
C GLY B 234 7.10 -8.33 -3.45
N TYR B 235 7.04 -9.43 -2.72
CA TYR B 235 6.43 -10.65 -3.22
C TYR B 235 5.09 -10.96 -2.55
N ILE B 236 4.61 -10.09 -1.66
CA ILE B 236 3.27 -10.24 -1.12
C ILE B 236 2.25 -10.23 -2.26
N PHE B 237 1.30 -11.12 -2.17
CA PHE B 237 0.27 -11.28 -3.19
C PHE B 237 -1.01 -10.57 -2.75
N ALA B 238 -1.69 -9.95 -3.71
CA ALA B 238 -2.92 -9.19 -3.43
C ALA B 238 -2.70 -8.16 -2.33
N THR B 239 -1.67 -7.33 -2.55
CA THR B 239 -1.31 -6.31 -1.58
C THR B 239 -2.52 -5.41 -1.33
N THR B 240 -2.79 -5.13 -0.06
CA THR B 240 -3.88 -4.27 0.35
C THR B 240 -3.50 -3.67 1.70
N GLY B 241 -4.49 -3.33 2.51
CA GLY B 241 -4.19 -2.96 3.88
C GLY B 241 -5.40 -3.14 4.76
N TYR B 242 -5.14 -3.06 6.06
CA TYR B 242 -6.22 -2.84 7.00
C TYR B 242 -6.73 -1.42 6.86
N GLY B 243 -8.05 -1.24 6.90
CA GLY B 243 -8.62 0.07 6.76
C GLY B 243 -9.84 0.20 7.65
N ILE B 244 -10.23 1.46 7.90
CA ILE B 244 -11.43 1.72 8.67
C ILE B 244 -12.62 1.64 7.74
N ALA B 245 -13.62 0.88 8.15
CA ALA B 245 -14.87 0.79 7.38
C ALA B 245 -15.85 1.84 7.90
N LEU B 246 -16.46 2.58 6.98
CA LEU B 246 -17.49 3.55 7.31
C LEU B 246 -18.73 3.26 6.47
N GLN B 247 -19.88 3.79 6.91
CA GLN B 247 -21.06 3.63 6.09
C GLN B 247 -20.91 4.34 4.75
N LYS B 248 -21.55 3.80 3.72
CA LYS B 248 -21.55 4.45 2.42
C LYS B 248 -21.93 5.92 2.54
N GLY B 249 -21.11 6.80 1.96
CA GLY B 249 -21.41 8.22 1.99
C GLY B 249 -21.22 8.85 3.35
N SER B 250 -20.40 8.24 4.20
CA SER B 250 -20.19 8.75 5.55
C SER B 250 -19.67 10.19 5.51
N PRO B 251 -20.18 11.07 6.39
CA PRO B 251 -19.61 12.42 6.51
C PRO B 251 -18.24 12.45 7.17
N TRP B 252 -17.79 11.34 7.77
CA TRP B 252 -16.52 11.31 8.48
C TRP B 252 -15.36 10.87 7.60
N LYS B 253 -15.62 10.33 6.41
CA LYS B 253 -14.57 9.63 5.67
C LYS B 253 -13.41 10.56 5.28
N ARG B 254 -13.73 11.74 4.74
CA ARG B 254 -12.67 12.65 4.29
C ARG B 254 -11.75 13.03 5.44
N GLN B 255 -12.33 13.43 6.57
CA GLN B 255 -11.53 13.80 7.73
C GLN B 255 -10.66 12.63 8.20
N ILE B 256 -11.22 11.43 8.17
CA ILE B 256 -10.47 10.28 8.64
C ILE B 256 -9.32 9.97 7.69
N ASP B 257 -9.59 10.00 6.38
CA ASP B 257 -8.53 9.82 5.39
C ASP B 257 -7.40 10.82 5.54
N LEU B 258 -7.75 12.10 5.63
CA LEU B 258 -6.71 13.11 5.73
C LEU B 258 -5.93 12.95 7.02
N ALA B 259 -6.61 12.56 8.10
CA ALA B 259 -5.91 12.39 9.37
C ALA B 259 -4.94 11.22 9.30
N LEU B 260 -5.38 10.08 8.75
CA LEU B 260 -4.47 8.95 8.63
C LEU B 260 -3.27 9.29 7.77
N LEU B 261 -3.49 10.00 6.64
CA LEU B 261 -2.38 10.36 5.79
C LEU B 261 -1.44 11.34 6.49
N GLN B 262 -1.99 12.24 7.31
CA GLN B 262 -1.14 13.11 8.12
C GLN B 262 -0.31 12.31 9.12
N PHE B 263 -0.93 11.32 9.78
CA PHE B 263 -0.20 10.50 10.74
C PHE B 263 0.95 9.77 10.06
N VAL B 264 0.71 9.25 8.85
CA VAL B 264 1.77 8.56 8.11
C VAL B 264 2.89 9.53 7.78
N GLY B 265 2.53 10.70 7.22
CA GLY B 265 3.51 11.65 6.78
C GLY B 265 4.34 12.25 7.90
N ASP B 266 3.77 12.31 9.11
CA ASP B 266 4.47 12.92 10.23
C ASP B 266 5.26 11.92 11.07
N GLY B 267 5.26 10.65 10.67
CA GLY B 267 5.95 9.62 11.41
C GLY B 267 5.17 9.00 12.54
N GLU B 268 3.97 9.50 12.86
CA GLU B 268 3.21 8.96 13.97
C GLU B 268 2.86 7.51 13.76
N MET B 269 2.62 7.10 12.52
CA MET B 269 2.33 5.70 12.25
C MET B 269 3.56 4.83 12.48
N GLU B 270 4.74 5.32 12.08
CA GLU B 270 5.98 4.60 12.35
C GLU B 270 6.17 4.40 13.85
N GLU B 271 5.87 5.42 14.65
CA GLU B 271 5.98 5.28 16.11
C GLU B 271 5.10 4.16 16.63
N LEU B 272 3.85 4.09 16.15
CA LEU B 272 2.94 3.05 16.60
C LEU B 272 3.40 1.67 16.16
N GLU B 273 3.99 1.58 14.96
CA GLU B 273 4.51 0.29 14.50
C GLU B 273 5.65 -0.17 15.38
N THR B 274 6.58 0.73 15.69
CA THR B 274 7.66 0.39 16.62
C THR B 274 7.10 0.00 17.98
N LEU B 275 6.07 0.72 18.46
CA LEU B 275 5.49 0.44 19.77
C LEU B 275 4.84 -0.95 19.83
N TRP B 276 4.04 -1.29 18.83
CA TRP B 276 3.17 -2.47 18.89
C TRP B 276 3.59 -3.65 18.03
N LEU B 277 4.25 -3.41 16.90
CA LEU B 277 4.40 -4.45 15.87
C LEU B 277 5.83 -4.89 15.62
N THR B 278 6.81 -4.00 15.79
CA THR B 278 8.19 -4.34 15.49
C THR B 278 8.76 -5.16 16.64
N GLY B 279 9.38 -6.29 16.31
CA GLY B 279 9.91 -7.20 17.29
C GLY B 279 11.44 -7.23 17.30
N ILE B 280 11.97 -8.07 18.19
CA ILE B 280 13.43 -8.14 18.36
C ILE B 280 14.10 -8.67 17.10
N CYS B 281 13.47 -9.62 16.41
CA CYS B 281 14.05 -10.18 15.19
C CYS B 281 14.04 -9.13 14.09
N HIS B 282 15.22 -8.63 13.73
CA HIS B 282 15.33 -7.52 12.78
C HIS B 282 15.52 -7.99 11.34
N ASN B 283 15.64 -9.29 11.11
CA ASN B 283 15.77 -9.83 9.76
C ASN B 283 15.19 -11.25 9.69
N GLY C . 6.19 9.10 -6.95
CA GLY C . 6.65 10.46 -7.24
C GLY C . 5.59 11.50 -7.02
O GLY C . 4.42 11.15 -6.92
OXT GLY C . 5.86 12.71 -6.96
C1 GOL D . 23.72 22.95 2.19
O1 GOL D . 23.52 24.30 2.53
C2 GOL D . 25.20 22.64 2.04
O2 GOL D . 25.96 23.31 3.03
C3 GOL D . 25.38 21.17 2.31
O3 GOL D . 26.57 20.82 1.66
CAY 84J E . -6.36 -12.48 4.85
CAA 84J E . -4.93 -12.96 4.62
NAQ 84J E . -7.19 -13.53 5.37
CAZ 84J E . -7.03 -13.90 6.76
PBA 84J E . -8.23 -15.21 7.05
OAE 84J E . -9.60 -14.61 6.80
OAF 84J E . -8.07 -15.72 8.47
OAB 84J E . -7.93 -16.31 6.07
CAV 84J E . -7.02 -12.71 7.69
CAX 84J E . -7.96 -11.70 7.58
NAP 84J E . -9.00 -11.77 6.70
CAT 84J E . -9.88 -10.82 6.62
OAD 84J E . -10.92 -10.98 5.72
CAS 84J E . -9.77 -9.71 7.39
OAC 84J E . -10.67 -8.69 7.29
NAO 84J E . -8.79 -9.60 8.27
CAW 84J E . -7.84 -10.55 8.41
CAN 84J E . -6.79 -10.49 9.33
CAH 84J E . -5.85 -11.50 9.40
CAK 84J E . -5.96 -12.63 8.59
CAL 84J E . -6.81 -12.60 2.33
CAI 84J E . -7.48 -12.16 1.19
CAR 84J E . -8.39 -11.10 1.31
BRAG 84J E . -9.35 -10.48 -0.24
CAJ 84J E . -8.65 -10.53 2.54
CAM 84J E . -7.98 -10.98 3.66
CAU 84J E . -7.05 -12.00 3.56
#